data_6WKL
#
_entry.id   6WKL
#
_cell.length_a   67.770
_cell.length_b   75.530
_cell.length_c   103.060
_cell.angle_alpha   90.000
_cell.angle_beta   90.000
_cell.angle_gamma   90.000
#
_symmetry.space_group_name_H-M   'P 21 21 21'
#
loop_
_entity.id
_entity.type
_entity.pdbx_description
1 polymer 'BAP050 Fab Heavy Chain'
2 polymer 'BAP050 Fab Light Chain'
3 non-polymer 2-AMINO-2-HYDROXYMETHYL-PROPANE-1,3-DIOL
4 water water
#
loop_
_entity_poly.entity_id
_entity_poly.type
_entity_poly.pdbx_seq_one_letter_code
_entity_poly.pdbx_strand_id
1 'polypeptide(L)'
;QIQLVQSGPELKKPGETVKISCKASGFTLTNYGMNWVRQTPGKGLKWMGWINTDTGEPTYADDFKGRFAFSLETSASTAS
LQINNLKNADTATYFCARNPPYYYGTNNAEAMDYWGQGTAVTVSSASTKGPSVFPLAPSSKSTSGGTAALGCLVKDYFPE
PVTVSWNSGALTSGVHTFPAVLQSSGLYSLSSVVTVPSSSLGTQTYICNVNHKPSNTKVDKRVEPKSCDKTAGWSHPQFE
K
;
A
2 'polypeptide(L)'
;DIQMTQTTSSLSASLGDRVTISCSSSQDISNYLNWYQQKPDGTVKVLIYYTSTLHLGVPSRFSGSGSGTDYSLTISNLEL
EDIATYYCQQYYNLPWTFGGGTKLEIKRTVAAPSVFIFPPSDEQLKSGTASVVCLLNNFYPREAKYQWKVDNALQSGNSQ
ESVTEQDSKDSTYSLSSTLTLSKADYEKHKVYACEVTHQGLSSPVTKSFNRGEC
;
B
#
loop_
_chem_comp.id
_chem_comp.type
_chem_comp.name
_chem_comp.formula
TRS non-polymer 2-AMINO-2-HYDROXYMETHYL-PROPANE-1,3-DIOL 'C4 H12 N O3 1'
#
# COMPACT_ATOMS: atom_id res chain seq x y z
N GLN A 1 11.79 25.96 9.62
CA GLN A 1 10.60 25.24 9.18
C GLN A 1 10.29 24.07 10.09
N ILE A 2 9.01 23.89 10.42
CA ILE A 2 8.59 22.84 11.35
C ILE A 2 8.74 21.48 10.67
N GLN A 3 9.62 20.63 11.23
CA GLN A 3 9.85 19.30 10.70
C GLN A 3 9.95 18.28 11.82
N LEU A 4 9.35 17.10 11.59
CA LEU A 4 9.55 15.91 12.41
C LEU A 4 10.19 14.85 11.51
N VAL A 5 11.42 14.48 11.81
CA VAL A 5 12.17 13.52 10.98
C VAL A 5 12.38 12.26 11.80
N GLN A 6 11.81 11.15 11.32
CA GLN A 6 11.90 9.89 12.03
C GLN A 6 13.08 9.07 11.52
N SER A 7 13.49 8.10 12.33
CA SER A 7 14.54 7.18 11.92
C SER A 7 14.03 6.24 10.82
N GLY A 8 14.98 5.58 10.17
CA GLY A 8 14.67 4.82 8.97
C GLY A 8 14.07 3.46 9.28
N PRO A 9 13.75 2.73 8.22
CA PRO A 9 13.07 1.44 8.36
C PRO A 9 13.90 0.43 9.13
N GLU A 10 13.21 -0.46 9.82
CA GLU A 10 13.81 -1.47 10.68
C GLU A 10 13.27 -2.84 10.30
N LEU A 11 14.17 -3.82 10.23
CA LEU A 11 13.80 -5.22 10.05
C LEU A 11 14.23 -5.96 11.31
N LYS A 12 13.29 -6.60 11.99
CA LYS A 12 13.58 -7.24 13.26
C LYS A 12 13.04 -8.67 13.25
N LYS A 13 13.62 -9.49 14.11
CA LYS A 13 13.10 -10.84 14.37
C LYS A 13 12.16 -10.83 15.56
N PRO A 14 11.20 -11.75 15.61
CA PRO A 14 10.29 -11.81 16.76
C PRO A 14 11.07 -11.87 18.08
N GLY A 15 10.52 -11.23 19.10
CA GLY A 15 11.16 -11.17 20.39
C GLY A 15 12.21 -10.11 20.52
N GLU A 16 12.60 -9.44 19.44
CA GLU A 16 13.59 -8.40 19.59
C GLU A 16 12.92 -7.11 20.03
N THR A 17 13.72 -6.06 20.17
CA THR A 17 13.24 -4.75 20.57
C THR A 17 13.69 -3.73 19.53
N VAL A 18 12.86 -2.72 19.28
CA VAL A 18 13.23 -1.66 18.35
C VAL A 18 12.97 -0.32 19.02
N LYS A 19 13.81 0.66 18.69
CA LYS A 19 13.64 2.02 19.17
C LYS A 19 13.50 2.93 17.97
N ILE A 20 12.37 3.61 17.89
CA ILE A 20 12.06 4.53 16.79
C ILE A 20 12.21 5.95 17.32
N SER A 21 12.98 6.76 16.62
CA SER A 21 13.21 8.12 17.07
C SER A 21 12.57 9.11 16.11
N CYS A 22 12.20 10.26 16.66
CA CYS A 22 11.47 11.31 15.96
C CYS A 22 12.13 12.63 16.33
N LYS A 23 12.92 13.18 15.42
CA LYS A 23 13.69 14.38 15.73
C LYS A 23 12.91 15.63 15.35
N ALA A 24 12.72 16.52 16.31
CA ALA A 24 12.01 17.78 16.10
C ALA A 24 12.98 18.90 15.73
N SER A 25 12.71 19.58 14.62
CA SER A 25 13.47 20.76 14.21
C SER A 25 12.51 21.88 13.82
N GLY A 26 13.00 23.11 13.86
CA GLY A 26 12.17 24.25 13.50
C GLY A 26 11.09 24.61 14.51
N PHE A 27 11.13 24.02 15.70
CA PHE A 27 10.20 24.37 16.78
C PHE A 27 10.78 23.77 18.05
N THR A 28 10.27 24.22 19.20
CA THR A 28 10.81 23.81 20.49
C THR A 28 10.04 22.59 20.96
N LEU A 29 10.71 21.42 20.89
CA LEU A 29 10.07 20.16 21.23
C LEU A 29 9.28 20.26 22.53
N THR A 30 9.88 20.87 23.55
CA THR A 30 9.35 20.89 24.90
C THR A 30 8.06 21.73 25.05
N ASN A 31 7.56 22.34 23.99
CA ASN A 31 6.38 23.19 24.06
C ASN A 31 5.10 22.52 23.58
N TYR A 32 5.18 21.28 23.06
CA TYR A 32 4.05 20.60 22.43
C TYR A 32 3.97 19.16 22.91
N GLY A 33 2.76 18.62 22.95
CA GLY A 33 2.61 17.19 23.12
C GLY A 33 3.20 16.43 21.93
N MET A 34 3.49 15.16 22.14
CA MET A 34 3.97 14.29 21.06
C MET A 34 3.16 13.01 21.08
N ASN A 35 2.52 12.70 19.96
CA ASN A 35 1.64 11.54 19.81
C ASN A 35 2.31 10.49 18.94
N TRP A 36 1.90 9.24 19.13
CA TRP A 36 2.35 8.13 18.29
C TRP A 36 1.14 7.47 17.66
N VAL A 37 1.22 7.20 16.36
CA VAL A 37 0.14 6.63 15.60
C VAL A 37 0.67 5.43 14.82
N ARG A 38 -0.08 4.33 14.83
CA ARG A 38 0.29 3.12 14.11
C ARG A 38 -0.62 2.93 12.91
N GLN A 39 -0.03 2.53 11.78
CA GLN A 39 -0.77 2.16 10.58
C GLN A 39 -0.26 0.80 10.10
N THR A 40 -1.10 -0.23 10.19
CA THR A 40 -0.70 -1.51 9.64
C THR A 40 -0.95 -1.52 8.13
N PRO A 41 -0.22 -2.34 7.36
CA PRO A 41 -0.44 -2.40 5.92
C PRO A 41 -1.90 -2.74 5.62
N GLY A 42 -2.52 -1.93 4.76
CA GLY A 42 -3.97 -1.92 4.64
C GLY A 42 -4.59 -0.64 5.19
N LYS A 43 -3.87 0.06 6.06
CA LYS A 43 -3.87 1.52 6.19
C LYS A 43 -4.89 2.09 7.17
N GLY A 44 -5.32 1.34 8.19
CA GLY A 44 -6.04 1.99 9.27
C GLY A 44 -5.08 2.75 10.17
N LEU A 45 -5.50 3.94 10.63
CA LEU A 45 -4.71 4.72 11.58
C LEU A 45 -5.24 4.49 13.00
N LYS A 46 -4.33 4.27 13.94
CA LYS A 46 -4.70 3.97 15.31
C LYS A 46 -3.82 4.78 16.25
N TRP A 47 -4.43 5.55 17.14
CA TRP A 47 -3.69 6.38 18.08
C TRP A 47 -3.14 5.51 19.21
N MET A 48 -1.82 5.57 19.43
CA MET A 48 -1.22 4.73 20.47
C MET A 48 -1.09 5.43 21.81
N GLY A 49 -1.06 6.75 21.84
CA GLY A 49 -0.89 7.48 23.07
C GLY A 49 -0.08 8.74 22.82
N TRP A 50 0.27 9.40 23.92
CA TRP A 50 1.08 10.60 23.81
C TRP A 50 2.03 10.67 25.00
N ILE A 51 2.99 11.57 24.90
CA ILE A 51 3.95 11.80 25.97
C ILE A 51 3.92 13.29 26.30
N ASN A 52 3.75 13.59 27.58
CA ASN A 52 3.81 14.98 28.00
C ASN A 52 5.24 15.44 27.88
N THR A 53 5.46 16.38 27.00
CA THR A 53 6.80 16.79 26.67
C THR A 53 7.42 17.67 27.76
N ASP A 54 6.58 18.30 28.58
CA ASP A 54 7.08 19.16 29.64
C ASP A 54 7.51 18.35 30.86
N THR A 55 6.68 17.40 31.30
CA THR A 55 7.00 16.57 32.46
C THR A 55 7.67 15.26 32.11
N GLY A 56 7.49 14.75 30.89
CA GLY A 56 7.98 13.44 30.53
C GLY A 56 7.01 12.32 30.77
N GLU A 57 5.78 12.60 31.21
CA GLU A 57 4.85 11.54 31.55
C GLU A 57 4.24 10.94 30.29
N PRO A 58 4.26 9.62 30.14
CA PRO A 58 3.58 8.99 29.01
C PRO A 58 2.20 8.49 29.39
N THR A 59 1.31 8.49 28.39
CA THR A 59 -0.05 7.96 28.52
C THR A 59 -0.29 7.05 27.33
N TYR A 60 -0.68 5.82 27.61
CA TYR A 60 -0.83 4.79 26.58
C TYR A 60 -2.30 4.49 26.38
N ALA A 61 -2.72 4.44 25.12
CA ALA A 61 -4.02 3.86 24.82
C ALA A 61 -4.02 2.40 25.28
N ASP A 62 -5.21 1.89 25.60
CA ASP A 62 -5.29 0.60 26.28
C ASP A 62 -4.73 -0.54 25.43
N ASP A 63 -4.98 -0.53 24.12
CA ASP A 63 -4.43 -1.57 23.26
C ASP A 63 -2.92 -1.53 23.16
N PHE A 64 -2.29 -0.50 23.73
CA PHE A 64 -0.85 -0.34 23.66
C PHE A 64 -0.21 -0.23 25.04
N LYS A 65 -0.88 -0.76 26.07
CA LYS A 65 -0.30 -0.85 27.40
C LYS A 65 0.40 -2.20 27.56
N GLY A 66 1.69 -2.15 27.85
CA GLY A 66 2.50 -3.34 27.94
C GLY A 66 3.88 -3.20 27.31
N ARG A 67 3.96 -3.44 26.00
CA ARG A 67 5.22 -3.58 25.29
C ARG A 67 5.73 -2.29 24.66
N PHE A 68 5.07 -1.15 24.94
CA PHE A 68 5.40 0.11 24.29
C PHE A 68 5.88 1.13 25.32
N ALA A 69 6.92 1.89 24.97
CA ALA A 69 7.45 2.91 25.86
C ALA A 69 7.77 4.18 25.07
N PHE A 70 7.17 5.30 25.49
CA PHE A 70 7.49 6.61 24.97
C PHE A 70 8.57 7.24 25.84
N SER A 71 9.54 7.90 25.22
CA SER A 71 10.59 8.55 25.97
C SER A 71 10.98 9.86 25.30
N LEU A 72 11.63 10.73 26.07
CA LEU A 72 12.16 11.99 25.56
C LEU A 72 13.68 12.01 25.67
N GLU A 73 14.29 12.72 24.74
CA GLU A 73 15.72 13.01 24.74
C GLU A 73 15.84 14.51 24.41
N THR A 74 15.51 15.35 25.39
CA THR A 74 15.36 16.78 25.16
C THR A 74 16.63 17.42 24.63
N SER A 75 17.79 17.03 25.17
CA SER A 75 19.05 17.61 24.69
C SER A 75 19.31 17.27 23.23
N ALA A 76 18.65 16.25 22.69
CA ALA A 76 18.73 15.93 21.28
C ALA A 76 17.49 16.39 20.51
N SER A 77 16.50 16.99 21.20
CA SER A 77 15.27 17.46 20.57
C SER A 77 14.58 16.31 19.86
N THR A 78 14.55 15.15 20.52
CA THR A 78 14.09 13.89 19.93
C THR A 78 13.11 13.21 20.87
N ALA A 79 12.04 12.67 20.31
CA ALA A 79 11.12 11.80 21.04
C ALA A 79 11.20 10.39 20.45
N SER A 80 10.95 9.40 21.29
CA SER A 80 11.26 8.03 20.92
C SER A 80 10.13 7.08 21.29
N LEU A 81 9.99 6.04 20.48
CA LEU A 81 9.07 4.94 20.72
C LEU A 81 9.89 3.65 20.74
N GLN A 82 9.79 2.91 21.83
CA GLN A 82 10.42 1.61 21.95
C GLN A 82 9.36 0.53 22.02
N ILE A 83 9.48 -0.49 21.18
CA ILE A 83 8.60 -1.65 21.20
C ILE A 83 9.45 -2.86 21.60
N ASN A 84 9.05 -3.51 22.69
CA ASN A 84 9.74 -4.68 23.20
C ASN A 84 9.00 -5.93 22.80
N ASN A 85 9.74 -7.04 22.74
CA ASN A 85 9.17 -8.35 22.51
C ASN A 85 8.31 -8.35 21.25
N LEU A 86 8.94 -7.94 20.14
CA LEU A 86 8.21 -7.74 18.89
C LEU A 86 7.50 -9.00 18.44
N LYS A 87 6.32 -8.83 17.85
CA LYS A 87 5.56 -9.89 17.23
C LYS A 87 5.36 -9.57 15.75
N ASN A 88 5.09 -10.61 14.96
CA ASN A 88 4.89 -10.40 13.53
C ASN A 88 3.79 -9.36 13.28
N ALA A 89 2.78 -9.33 14.15
CA ALA A 89 1.68 -8.36 14.06
C ALA A 89 2.11 -6.92 14.32
N ASP A 90 3.31 -6.69 14.85
CA ASP A 90 3.83 -5.33 15.02
C ASP A 90 4.32 -4.74 13.71
N THR A 91 4.31 -5.51 12.63
CA THR A 91 4.71 -5.05 11.32
C THR A 91 3.75 -3.94 10.89
N ALA A 92 4.28 -2.74 10.78
CA ALA A 92 3.43 -1.57 10.60
C ALA A 92 4.31 -0.35 10.39
N THR A 93 3.68 0.75 10.03
CA THR A 93 4.33 2.05 10.02
C THR A 93 3.87 2.84 11.25
N TYR A 94 4.84 3.41 11.96
CA TYR A 94 4.60 4.17 13.17
C TYR A 94 4.93 5.63 12.89
N PHE A 95 3.97 6.52 13.16
CA PHE A 95 4.14 7.96 12.99
C PHE A 95 4.24 8.62 14.36
N CYS A 96 5.10 9.62 14.47
CA CYS A 96 4.98 10.60 15.54
C CYS A 96 4.33 11.85 14.97
N ALA A 97 3.57 12.56 15.82
CA ALA A 97 2.87 13.77 15.41
C ALA A 97 2.72 14.67 16.61
N ARG A 98 3.00 15.96 16.44
CA ARG A 98 2.86 16.86 17.57
C ARG A 98 1.46 17.44 17.62
N ASN A 99 1.07 17.94 18.80
CA ASN A 99 -0.23 18.58 18.97
C ASN A 99 -0.02 19.76 19.93
N PRO A 100 -0.57 20.93 19.63
CA PRO A 100 -0.45 22.05 20.56
C PRO A 100 -1.19 21.72 21.85
N PRO A 101 -0.56 21.99 23.00
CA PRO A 101 -1.22 21.67 24.27
C PRO A 101 -2.53 22.43 24.41
N TYR A 102 -3.55 21.73 24.91
CA TYR A 102 -4.85 22.36 25.11
C TYR A 102 -4.88 23.13 26.43
N TYR A 103 -5.48 24.31 26.38
CA TYR A 103 -5.81 25.07 27.57
C TYR A 103 -7.07 25.86 27.24
N TYR A 104 -7.87 26.14 28.26
CA TYR A 104 -9.13 26.84 28.03
C TYR A 104 -8.89 28.15 27.31
N GLY A 105 -9.66 28.38 26.25
CA GLY A 105 -9.55 29.61 25.50
C GLY A 105 -8.43 29.66 24.49
N THR A 106 -7.69 28.57 24.29
CA THR A 106 -6.60 28.59 23.32
C THR A 106 -7.13 28.88 21.92
N ASN A 107 -6.23 29.38 21.08
CA ASN A 107 -6.51 29.63 19.68
C ASN A 107 -5.93 28.58 18.75
N ASN A 108 -5.00 27.76 19.25
CA ASN A 108 -4.35 26.75 18.43
C ASN A 108 -5.32 25.63 18.08
N ALA A 109 -5.01 24.94 17.00
CA ALA A 109 -5.69 23.69 16.68
C ALA A 109 -5.43 22.70 17.81
N GLU A 110 -6.47 22.01 18.26
CA GLU A 110 -6.23 20.80 19.04
C GLU A 110 -6.28 19.61 18.09
N ALA A 111 -5.22 19.55 17.27
CA ALA A 111 -5.08 18.50 16.29
C ALA A 111 -3.61 18.11 16.26
N MET A 112 -3.34 16.94 15.67
CA MET A 112 -1.98 16.55 15.34
C MET A 112 -1.59 17.32 14.09
N ASP A 113 -0.91 18.46 14.29
CA ASP A 113 -0.77 19.46 13.24
C ASP A 113 0.49 19.33 12.41
N TYR A 114 1.49 18.59 12.88
CA TYR A 114 2.65 18.24 12.04
C TYR A 114 3.05 16.80 12.32
N TRP A 115 3.21 16.02 11.25
CA TRP A 115 3.49 14.59 11.34
C TRP A 115 4.90 14.29 10.85
N GLY A 116 5.56 13.31 11.49
CA GLY A 116 6.74 12.69 10.92
C GLY A 116 6.39 11.86 9.69
N GLN A 117 7.42 11.47 8.93
CA GLN A 117 7.20 10.75 7.68
C GLN A 117 6.87 9.28 7.91
N GLY A 118 6.92 8.78 9.14
CA GLY A 118 6.60 7.39 9.39
C GLY A 118 7.85 6.51 9.38
N THR A 119 7.88 5.49 10.23
CA THR A 119 8.96 4.51 10.29
C THR A 119 8.36 3.14 10.08
N ALA A 120 8.78 2.45 9.04
CA ALA A 120 8.22 1.13 8.75
C ALA A 120 9.03 0.07 9.49
N VAL A 121 8.34 -0.74 10.28
CA VAL A 121 8.95 -1.83 11.04
C VAL A 121 8.43 -3.12 10.44
N THR A 122 9.35 -4.02 10.09
CA THR A 122 8.99 -5.34 9.57
C THR A 122 9.52 -6.39 10.55
N VAL A 123 8.64 -7.29 10.97
CA VAL A 123 8.99 -8.35 11.93
C VAL A 123 8.76 -9.69 11.25
N SER A 124 9.82 -10.48 11.18
CA SER A 124 9.79 -11.78 10.50
C SER A 124 11.02 -12.57 10.92
N SER A 125 10.85 -13.88 10.94
CA SER A 125 12.00 -14.74 11.22
C SER A 125 12.74 -15.18 9.95
N ALA A 126 12.26 -14.76 8.77
CA ALA A 126 12.92 -15.17 7.52
C ALA A 126 14.35 -14.67 7.45
N SER A 127 15.19 -15.43 6.75
CA SER A 127 16.57 -15.05 6.51
C SER A 127 16.71 -14.47 5.10
N THR A 128 17.73 -13.64 4.93
CA THR A 128 17.87 -12.85 3.71
C THR A 128 18.26 -13.75 2.54
N LYS A 129 17.58 -13.56 1.42
CA LYS A 129 17.77 -14.38 0.22
C LYS A 129 17.53 -13.53 -1.01
N GLY A 130 18.39 -13.70 -2.01
CA GLY A 130 18.17 -13.07 -3.29
C GLY A 130 17.16 -13.87 -4.11
N PRO A 131 16.53 -13.22 -5.09
CA PRO A 131 15.45 -13.88 -5.84
C PRO A 131 15.98 -14.77 -6.95
N SER A 132 15.11 -15.69 -7.37
CA SER A 132 15.24 -16.30 -8.68
C SER A 132 14.42 -15.48 -9.64
N VAL A 133 14.89 -15.32 -10.87
CA VAL A 133 14.17 -14.53 -11.88
C VAL A 133 13.78 -15.47 -13.02
N PHE A 134 12.48 -15.57 -13.30
CA PHE A 134 12.01 -16.48 -14.32
C PHE A 134 11.29 -15.71 -15.42
N PRO A 135 11.37 -16.19 -16.68
CA PRO A 135 10.68 -15.48 -17.76
C PRO A 135 9.17 -15.75 -17.77
N LEU A 136 8.41 -14.70 -18.06
CA LEU A 136 7.01 -14.80 -18.49
C LEU A 136 7.04 -14.56 -19.99
N ALA A 137 7.17 -15.63 -20.73
CA ALA A 137 7.49 -15.56 -22.15
C ALA A 137 6.26 -15.15 -22.95
N PRO A 138 6.42 -14.29 -23.95
CA PRO A 138 5.27 -13.87 -24.76
C PRO A 138 4.67 -15.05 -25.51
N SER A 139 3.34 -15.15 -25.48
CA SER A 139 2.64 -16.24 -26.15
C SER A 139 2.88 -16.19 -27.65
N SER A 140 2.95 -17.36 -28.27
CA SER A 140 3.06 -17.44 -29.73
C SER A 140 1.70 -17.42 -30.42
N LYS A 141 0.65 -16.97 -29.72
CA LYS A 141 -0.72 -16.97 -30.25
C LYS A 141 -1.39 -15.62 -30.02
N GLY A 146 -1.11 -6.51 -33.45
CA GLY A 146 -1.67 -6.64 -32.12
C GLY A 146 -0.65 -6.39 -31.02
N THR A 147 -1.05 -6.65 -29.78
CA THR A 147 -0.26 -6.36 -28.59
C THR A 147 0.09 -7.65 -27.88
N ALA A 148 1.35 -7.80 -27.48
CA ALA A 148 1.78 -8.95 -26.71
C ALA A 148 2.23 -8.50 -25.32
N ALA A 149 2.10 -9.40 -24.35
CA ALA A 149 2.57 -9.16 -23.01
C ALA A 149 3.71 -10.12 -22.71
N LEU A 150 4.73 -9.63 -22.01
CA LEU A 150 5.81 -10.48 -21.50
C LEU A 150 6.19 -9.96 -20.13
N GLY A 151 7.03 -10.71 -19.41
CA GLY A 151 7.44 -10.21 -18.12
C GLY A 151 8.43 -11.10 -17.42
N CYS A 152 8.65 -10.78 -16.15
CA CYS A 152 9.57 -11.50 -15.30
C CYS A 152 8.92 -11.80 -13.97
N LEU A 153 9.13 -13.02 -13.49
CA LEU A 153 8.64 -13.45 -12.19
C LEU A 153 9.82 -13.49 -11.23
N VAL A 154 9.79 -12.64 -10.21
CA VAL A 154 10.93 -12.47 -9.31
C VAL A 154 10.57 -13.18 -8.01
N LYS A 155 11.09 -14.39 -7.82
CA LYS A 155 10.51 -15.30 -6.85
C LYS A 155 11.46 -15.60 -5.71
N ASP A 156 10.90 -15.61 -4.50
CA ASP A 156 11.50 -16.20 -3.30
C ASP A 156 12.65 -15.36 -2.74
N TYR A 157 12.37 -14.10 -2.43
CA TYR A 157 13.40 -13.21 -1.90
C TYR A 157 12.93 -12.63 -0.57
N PHE A 158 13.89 -12.10 0.19
CA PHE A 158 13.66 -11.48 1.49
C PHE A 158 14.89 -10.70 1.88
N PRO A 159 14.75 -9.48 2.43
CA PRO A 159 13.47 -8.79 2.60
C PRO A 159 13.10 -7.97 1.38
N GLU A 160 11.93 -7.32 1.42
CA GLU A 160 11.65 -6.24 0.47
C GLU A 160 12.72 -5.16 0.63
N PRO A 161 12.96 -4.36 -0.41
CA PRO A 161 12.33 -4.42 -1.73
C PRO A 161 13.28 -4.96 -2.82
N VAL A 162 12.72 -5.25 -3.99
CA VAL A 162 13.50 -5.39 -5.21
C VAL A 162 13.10 -4.27 -6.15
N THR A 163 14.04 -3.85 -6.99
CA THR A 163 13.76 -2.93 -8.08
C THR A 163 13.84 -3.69 -9.40
N VAL A 164 12.90 -3.40 -10.30
CA VAL A 164 12.86 -4.01 -11.62
C VAL A 164 12.82 -2.89 -12.64
N SER A 165 13.66 -3.00 -13.67
CA SER A 165 13.54 -2.12 -14.81
C SER A 165 13.59 -2.97 -16.07
N TRP A 166 13.25 -2.37 -17.19
CA TRP A 166 13.27 -3.05 -18.48
C TRP A 166 14.24 -2.36 -19.41
N ASN A 167 15.05 -3.15 -20.09
CA ASN A 167 16.09 -2.68 -21.01
C ASN A 167 16.90 -1.54 -20.40
N SER A 168 17.36 -1.74 -19.16
CA SER A 168 18.17 -0.77 -18.43
C SER A 168 17.49 0.59 -18.32
N GLY A 169 16.16 0.58 -18.21
CA GLY A 169 15.41 1.80 -18.06
C GLY A 169 15.00 2.48 -19.36
N ALA A 170 15.42 1.95 -20.51
CA ALA A 170 14.98 2.52 -21.79
C ALA A 170 13.53 2.16 -22.13
N LEU A 171 12.96 1.16 -21.47
CA LEU A 171 11.58 0.75 -21.72
C LEU A 171 10.77 1.03 -20.47
N THR A 172 9.84 1.99 -20.56
CA THR A 172 9.02 2.35 -19.42
C THR A 172 7.53 2.27 -19.78
N SER A 173 7.21 2.59 -21.02
CA SER A 173 5.82 2.56 -21.48
C SER A 173 5.23 1.15 -21.43
N GLY A 174 4.04 1.04 -20.85
CA GLY A 174 3.38 -0.25 -20.74
C GLY A 174 3.91 -1.17 -19.66
N VAL A 175 4.84 -0.71 -18.84
CA VAL A 175 5.39 -1.54 -17.77
C VAL A 175 4.48 -1.48 -16.56
N HIS A 176 4.16 -2.63 -15.98
CA HIS A 176 3.49 -2.72 -14.69
C HIS A 176 4.33 -3.61 -13.80
N THR A 177 4.83 -3.07 -12.70
CA THR A 177 5.53 -3.86 -11.71
C THR A 177 4.61 -3.92 -10.49
N PHE A 178 4.16 -5.14 -10.16
CA PHE A 178 3.12 -5.39 -9.16
C PHE A 178 3.68 -5.39 -7.75
N PRO A 179 2.84 -5.03 -6.76
CA PRO A 179 3.23 -5.20 -5.36
C PRO A 179 3.70 -6.62 -5.08
N ALA A 180 4.71 -6.74 -4.24
CA ALA A 180 5.17 -8.05 -3.83
C ALA A 180 4.08 -8.76 -3.02
N VAL A 181 4.05 -10.09 -3.09
CA VAL A 181 3.18 -10.87 -2.22
C VAL A 181 4.04 -11.73 -1.32
N LEU A 182 3.63 -11.83 -0.05
CA LEU A 182 4.33 -12.63 0.93
C LEU A 182 3.78 -14.03 0.86
N GLN A 183 4.65 -15.01 0.62
CA GLN A 183 4.21 -16.39 0.51
C GLN A 183 4.22 -17.04 1.88
N SER A 184 3.58 -18.21 1.99
CA SER A 184 3.58 -18.92 3.27
C SER A 184 4.98 -19.33 3.70
N SER A 185 5.94 -19.40 2.76
CA SER A 185 7.33 -19.64 3.12
C SER A 185 7.94 -18.51 3.94
N GLY A 186 7.29 -17.35 4.02
CA GLY A 186 7.93 -16.17 4.54
C GLY A 186 8.73 -15.38 3.53
N LEU A 187 8.83 -15.86 2.29
CA LEU A 187 9.56 -15.18 1.22
C LEU A 187 8.59 -14.43 0.32
N TYR A 188 9.08 -13.39 -0.34
CA TYR A 188 8.25 -12.55 -1.19
C TYR A 188 8.36 -12.98 -2.66
N SER A 189 7.36 -12.61 -3.45
CA SER A 189 7.46 -12.83 -4.88
C SER A 189 6.72 -11.71 -5.57
N LEU A 190 7.23 -11.26 -6.71
CA LEU A 190 6.50 -10.25 -7.47
C LEU A 190 6.71 -10.52 -8.94
N SER A 191 5.78 -9.99 -9.72
CA SER A 191 5.90 -10.06 -11.17
C SER A 191 5.98 -8.67 -11.75
N SER A 192 6.68 -8.56 -12.87
CA SER A 192 6.77 -7.33 -13.63
C SER A 192 6.43 -7.68 -15.06
N VAL A 193 5.52 -6.92 -15.68
CA VAL A 193 5.09 -7.22 -17.03
C VAL A 193 5.23 -5.98 -17.88
N VAL A 194 5.24 -6.18 -19.19
CA VAL A 194 5.16 -5.06 -20.12
C VAL A 194 4.43 -5.54 -21.36
N THR A 195 3.61 -4.68 -21.94
CA THR A 195 2.95 -4.99 -23.19
C THR A 195 3.66 -4.26 -24.31
N VAL A 196 3.90 -4.97 -25.39
CA VAL A 196 4.68 -4.48 -26.54
C VAL A 196 3.96 -4.88 -27.82
N PRO A 197 4.32 -4.25 -28.93
CA PRO A 197 3.79 -4.70 -30.23
C PRO A 197 4.18 -6.14 -30.52
N SER A 198 3.18 -6.95 -30.89
CA SER A 198 3.42 -8.31 -31.34
C SER A 198 4.47 -8.37 -32.44
N SER A 199 4.47 -7.39 -33.34
CA SER A 199 5.43 -7.39 -34.43
C SER A 199 6.85 -7.20 -33.95
N SER A 200 7.05 -6.61 -32.77
CA SER A 200 8.40 -6.35 -32.29
C SER A 200 9.09 -7.59 -31.70
N LEU A 201 8.39 -8.73 -31.59
CA LEU A 201 8.92 -9.84 -30.79
C LEU A 201 10.11 -10.51 -31.44
N GLY A 202 10.16 -10.55 -32.78
CA GLY A 202 11.29 -11.17 -33.44
C GLY A 202 12.50 -10.28 -33.61
N THR A 203 12.36 -8.99 -33.35
CA THR A 203 13.43 -8.05 -33.64
C THR A 203 13.91 -7.25 -32.44
N GLN A 204 13.09 -7.07 -31.41
CA GLN A 204 13.50 -6.29 -30.24
C GLN A 204 13.88 -7.23 -29.10
N THR A 205 14.98 -6.93 -28.44
CA THR A 205 15.43 -7.68 -27.28
C THR A 205 14.79 -7.08 -26.03
N TYR A 206 14.24 -7.93 -25.17
CA TYR A 206 13.59 -7.48 -23.94
C TYR A 206 14.29 -8.12 -22.76
N ILE A 207 14.79 -7.28 -21.85
CA ILE A 207 15.58 -7.73 -20.71
C ILE A 207 15.02 -7.06 -19.46
N CYS A 208 14.72 -7.85 -18.46
CA CYS A 208 14.34 -7.23 -17.19
C CYS A 208 15.54 -7.25 -16.25
N ASN A 209 15.82 -6.10 -15.69
CA ASN A 209 16.95 -5.90 -14.78
C ASN A 209 16.44 -5.92 -13.35
N VAL A 210 16.89 -6.89 -12.57
CA VAL A 210 16.40 -7.08 -11.21
C VAL A 210 17.55 -6.79 -10.25
N ASN A 211 17.28 -5.98 -9.22
CA ASN A 211 18.26 -5.65 -8.20
C ASN A 211 17.62 -5.85 -6.83
N HIS A 212 18.29 -6.65 -6.00
CA HIS A 212 17.91 -6.91 -4.61
C HIS A 212 19.12 -6.52 -3.78
N LYS A 213 19.14 -5.27 -3.32
CA LYS A 213 20.27 -4.78 -2.55
C LYS A 213 20.58 -5.61 -1.30
N PRO A 214 19.59 -6.02 -0.48
CA PRO A 214 19.96 -6.72 0.77
C PRO A 214 20.84 -7.94 0.56
N SER A 215 20.75 -8.58 -0.60
CA SER A 215 21.53 -9.78 -0.90
C SER A 215 22.59 -9.55 -1.97
N ASN A 216 22.81 -8.30 -2.37
CA ASN A 216 23.78 -7.97 -3.42
C ASN A 216 23.50 -8.73 -4.72
N THR A 217 22.22 -8.95 -5.03
CA THR A 217 21.82 -9.76 -6.19
C THR A 217 21.37 -8.83 -7.31
N LYS A 218 22.02 -8.93 -8.45
CA LYS A 218 21.59 -8.27 -9.68
C LYS A 218 21.48 -9.32 -10.78
N VAL A 219 20.41 -9.23 -11.56
CA VAL A 219 20.14 -10.19 -12.63
C VAL A 219 19.64 -9.42 -13.83
N ASP A 220 20.21 -9.68 -15.00
CA ASP A 220 19.72 -9.18 -16.28
C ASP A 220 19.16 -10.40 -17.01
N LYS A 221 17.84 -10.51 -17.11
CA LYS A 221 17.19 -11.70 -17.65
C LYS A 221 16.52 -11.34 -18.97
N ARG A 222 17.02 -11.92 -20.06
CA ARG A 222 16.37 -11.75 -21.36
C ARG A 222 15.09 -12.57 -21.39
N VAL A 223 14.01 -11.97 -21.86
CA VAL A 223 12.71 -12.63 -21.99
C VAL A 223 12.41 -12.72 -23.48
N GLU A 224 12.26 -13.92 -23.99
CA GLU A 224 12.13 -14.13 -25.42
C GLU A 224 11.05 -15.18 -25.68
N PRO A 225 10.46 -15.18 -26.88
CA PRO A 225 9.53 -16.25 -27.24
C PRO A 225 10.22 -17.60 -27.12
N LYS A 226 9.55 -18.56 -26.50
CA LYS A 226 10.13 -19.88 -26.33
C LYS A 226 10.02 -20.66 -27.63
N SER A 227 11.05 -21.45 -27.94
CA SER A 227 11.08 -22.26 -29.15
C SER A 227 10.31 -23.58 -28.97
N ASP B 1 -14.37 4.15 24.24
CA ASP B 1 -13.93 4.44 22.88
C ASP B 1 -15.07 4.93 22.00
N ILE B 2 -14.93 6.13 21.43
CA ILE B 2 -15.90 6.61 20.45
C ILE B 2 -15.54 6.06 19.08
N GLN B 3 -16.50 5.44 18.41
CA GLN B 3 -16.26 4.88 17.09
C GLN B 3 -16.53 5.93 16.02
N MET B 4 -15.59 6.09 15.11
CA MET B 4 -15.75 6.95 13.94
C MET B 4 -15.90 6.08 12.69
N THR B 5 -16.91 6.38 11.88
CA THR B 5 -17.28 5.56 10.75
C THR B 5 -17.25 6.40 9.49
N GLN B 6 -16.49 5.96 8.49
CA GLN B 6 -16.53 6.56 7.15
C GLN B 6 -17.13 5.52 6.24
N THR B 7 -18.41 5.70 5.92
CA THR B 7 -19.20 4.67 5.26
C THR B 7 -18.66 4.32 3.89
N THR B 8 -18.03 5.29 3.21
CA THR B 8 -17.53 5.08 1.87
C THR B 8 -16.00 4.95 1.94
N SER B 9 -15.51 3.72 1.74
CA SER B 9 -14.07 3.49 1.78
C SER B 9 -13.38 3.94 0.49
N SER B 10 -14.07 3.89 -0.64
CA SER B 10 -13.51 4.28 -1.92
C SER B 10 -14.49 5.18 -2.64
N LEU B 11 -13.97 6.23 -3.26
CA LEU B 11 -14.81 7.21 -3.92
C LEU B 11 -14.14 7.61 -5.23
N SER B 12 -14.87 7.46 -6.33
CA SER B 12 -14.38 7.84 -7.65
C SER B 12 -14.84 9.25 -7.97
N ALA B 13 -13.94 10.04 -8.57
CA ALA B 13 -14.33 11.41 -8.88
C ALA B 13 -13.49 11.89 -10.05
N SER B 14 -13.94 12.98 -10.68
CA SER B 14 -13.22 13.58 -11.79
C SER B 14 -12.58 14.89 -11.36
N LEU B 15 -11.46 15.22 -11.98
CA LEU B 15 -10.85 16.52 -11.74
C LEU B 15 -11.87 17.61 -12.03
N GLY B 16 -11.91 18.62 -11.17
CA GLY B 16 -12.92 19.65 -11.24
C GLY B 16 -14.18 19.38 -10.46
N ASP B 17 -14.49 18.11 -10.17
CA ASP B 17 -15.69 17.78 -9.39
C ASP B 17 -15.66 18.46 -8.03
N ARG B 18 -16.86 18.64 -7.47
CA ARG B 18 -17.01 18.84 -6.04
C ARG B 18 -17.19 17.48 -5.39
N VAL B 19 -16.37 17.19 -4.38
CA VAL B 19 -16.34 15.90 -3.74
C VAL B 19 -16.63 16.10 -2.26
N THR B 20 -17.49 15.25 -1.71
CA THR B 20 -17.84 15.28 -0.30
C THR B 20 -17.53 13.94 0.34
N ILE B 21 -17.00 13.98 1.55
CA ILE B 21 -16.64 12.78 2.29
C ILE B 21 -17.32 12.85 3.65
N SER B 22 -18.07 11.81 3.99
CA SER B 22 -18.84 11.78 5.22
C SER B 22 -18.12 11.03 6.33
N CYS B 23 -18.47 11.37 7.56
CA CYS B 23 -17.93 10.78 8.77
C CYS B 23 -19.02 10.85 9.84
N SER B 24 -19.28 9.73 10.52
CA SER B 24 -20.25 9.67 11.60
C SER B 24 -19.58 9.19 12.88
N SER B 25 -20.03 9.73 14.01
CA SER B 25 -19.49 9.39 15.32
C SER B 25 -20.54 8.64 16.12
N SER B 26 -20.08 7.78 17.02
CA SER B 26 -21.01 6.98 17.81
C SER B 26 -21.68 7.79 18.93
N GLN B 27 -21.22 9.01 19.19
CA GLN B 27 -21.94 9.92 20.08
C GLN B 27 -21.62 11.35 19.67
N ASP B 28 -22.38 12.27 20.23
CA ASP B 28 -22.15 13.70 20.07
C ASP B 28 -20.71 14.02 20.42
N ILE B 29 -19.95 14.55 19.46
CA ILE B 29 -18.59 14.94 19.76
C ILE B 29 -18.42 16.45 19.82
N SER B 30 -19.53 17.20 19.72
CA SER B 30 -19.54 18.65 19.91
C SER B 30 -18.56 19.34 18.98
N ASN B 31 -18.48 18.85 17.74
CA ASN B 31 -17.65 19.41 16.68
C ASN B 31 -16.15 19.26 16.90
N TYR B 32 -15.74 18.45 17.88
CA TYR B 32 -14.33 18.19 18.15
C TYR B 32 -13.84 17.11 17.16
N LEU B 33 -13.63 17.54 15.92
CA LEU B 33 -13.36 16.64 14.81
C LEU B 33 -12.31 17.26 13.90
N ASN B 34 -11.27 16.47 13.57
CA ASN B 34 -10.21 16.88 12.65
C ASN B 34 -10.23 16.01 11.40
N TRP B 35 -9.71 16.57 10.31
CA TRP B 35 -9.55 15.84 9.05
C TRP B 35 -8.08 15.81 8.64
N TYR B 36 -7.59 14.64 8.25
CA TYR B 36 -6.22 14.43 7.79
C TYR B 36 -6.21 13.89 6.38
N GLN B 37 -5.18 14.24 5.63
CA GLN B 37 -4.97 13.75 4.27
C GLN B 37 -3.69 12.93 4.24
N GLN B 38 -3.78 11.71 3.69
CA GLN B 38 -2.59 10.89 3.49
C GLN B 38 -2.36 10.68 2.00
N LYS B 39 -1.22 11.14 1.50
CA LYS B 39 -0.88 10.98 0.09
C LYS B 39 -0.58 9.52 -0.22
N PRO B 40 -0.62 9.14 -1.49
CA PRO B 40 -0.17 7.80 -1.87
C PRO B 40 1.22 7.47 -1.38
N ASP B 41 2.11 8.47 -1.24
CA ASP B 41 3.45 8.20 -0.75
C ASP B 41 3.49 7.93 0.76
N GLY B 42 2.37 8.13 1.48
CA GLY B 42 2.29 7.79 2.88
C GLY B 42 2.36 8.96 3.84
N THR B 43 2.65 10.16 3.35
CA THR B 43 2.84 11.31 4.23
C THR B 43 1.49 11.91 4.62
N VAL B 44 1.40 12.41 5.85
CA VAL B 44 0.13 12.83 6.45
C VAL B 44 0.19 14.31 6.77
N LYS B 45 -0.90 15.02 6.48
CA LYS B 45 -1.05 16.37 7.02
C LYS B 45 -2.49 16.65 7.44
N VAL B 46 -2.62 17.55 8.39
CA VAL B 46 -3.94 17.97 8.84
C VAL B 46 -4.50 18.93 7.82
N LEU B 47 -5.81 18.84 7.59
CA LEU B 47 -6.48 19.76 6.68
C LEU B 47 -7.38 20.72 7.42
N ILE B 48 -8.22 20.19 8.29
CA ILE B 48 -9.27 20.93 8.97
C ILE B 48 -9.25 20.55 10.44
N TYR B 49 -9.48 21.53 11.31
CA TYR B 49 -9.63 21.23 12.74
C TYR B 49 -10.89 21.90 13.26
N TYR B 50 -11.41 21.31 14.34
CA TYR B 50 -12.68 21.74 14.92
C TYR B 50 -13.76 21.84 13.85
N THR B 51 -13.88 20.77 13.06
CA THR B 51 -14.95 20.55 12.08
C THR B 51 -14.84 21.39 10.81
N SER B 52 -14.45 22.69 10.93
CA SER B 52 -14.46 23.56 9.76
C SER B 52 -13.35 24.61 9.70
N THR B 53 -12.35 24.59 10.57
CA THR B 53 -11.26 25.56 10.48
C THR B 53 -10.12 24.98 9.65
N LEU B 54 -9.82 25.63 8.53
CA LEU B 54 -8.69 25.26 7.69
C LEU B 54 -7.36 25.48 8.42
N HIS B 55 -6.48 24.49 8.36
CA HIS B 55 -5.15 24.66 8.90
C HIS B 55 -4.34 25.63 8.01
N LEU B 56 -3.29 26.20 8.59
CA LEU B 56 -2.47 27.16 7.86
C LEU B 56 -1.89 26.54 6.60
N GLY B 57 -2.00 27.26 5.48
CA GLY B 57 -1.48 26.79 4.23
C GLY B 57 -2.37 25.81 3.47
N VAL B 58 -3.50 25.41 4.03
CA VAL B 58 -4.42 24.52 3.33
C VAL B 58 -5.25 25.36 2.36
N PRO B 59 -5.33 24.98 1.09
CA PRO B 59 -6.04 25.82 0.11
C PRO B 59 -7.53 25.91 0.39
N SER B 60 -8.11 26.99 -0.08
CA SER B 60 -9.48 27.34 0.23
C SER B 60 -10.50 26.39 -0.38
N ARG B 61 -10.10 25.53 -1.34
CA ARG B 61 -11.09 24.60 -1.86
C ARG B 61 -11.53 23.55 -0.84
N PHE B 62 -10.81 23.39 0.27
CA PHE B 62 -11.23 22.47 1.33
C PHE B 62 -12.11 23.20 2.32
N SER B 63 -13.17 22.52 2.77
CA SER B 63 -14.06 23.00 3.81
C SER B 63 -14.67 21.81 4.53
N GLY B 64 -15.22 22.08 5.72
CA GLY B 64 -15.86 21.05 6.50
C GLY B 64 -17.07 21.63 7.22
N SER B 65 -18.00 20.75 7.57
CA SER B 65 -19.18 21.22 8.29
C SER B 65 -19.81 20.01 8.97
N GLY B 66 -20.70 20.28 9.93
CA GLY B 66 -21.39 19.22 10.65
C GLY B 66 -21.56 19.53 12.12
N SER B 67 -22.19 18.62 12.86
CA SER B 67 -22.40 18.78 14.30
C SER B 67 -23.05 17.50 14.80
N GLY B 68 -23.13 17.38 16.12
CA GLY B 68 -23.71 16.17 16.68
C GLY B 68 -22.87 14.99 16.25
N THR B 69 -23.49 14.05 15.51
CA THR B 69 -22.81 12.84 15.06
C THR B 69 -22.50 12.82 13.57
N ASP B 70 -22.81 13.87 12.81
CA ASP B 70 -22.67 13.81 11.36
C ASP B 70 -21.79 14.93 10.86
N TYR B 71 -20.74 14.59 10.12
CA TYR B 71 -19.72 15.54 9.71
C TYR B 71 -19.32 15.26 8.27
N SER B 72 -18.74 16.26 7.62
CA SER B 72 -18.33 16.07 6.24
C SER B 72 -17.15 16.97 5.89
N LEU B 73 -16.36 16.50 4.93
CA LEU B 73 -15.28 17.26 4.32
C LEU B 73 -15.61 17.42 2.84
N THR B 74 -15.41 18.63 2.31
CA THR B 74 -15.77 18.93 0.94
C THR B 74 -14.58 19.53 0.22
N ILE B 75 -14.37 19.07 -1.01
CA ILE B 75 -13.38 19.63 -1.91
C ILE B 75 -14.15 20.23 -3.07
N SER B 76 -14.05 21.55 -3.26
CA SER B 76 -14.98 22.21 -4.17
C SER B 76 -14.62 22.03 -5.63
N ASN B 77 -13.31 21.90 -5.95
CA ASN B 77 -12.87 21.84 -7.35
C ASN B 77 -11.62 20.95 -7.37
N LEU B 78 -11.86 19.64 -7.43
CA LEU B 78 -10.82 18.65 -7.16
C LEU B 78 -9.63 18.83 -8.09
N GLU B 79 -8.44 18.76 -7.53
CA GLU B 79 -7.23 18.81 -8.32
C GLU B 79 -6.42 17.54 -8.13
N LEU B 80 -5.49 17.32 -9.06
CA LEU B 80 -4.71 16.09 -9.08
C LEU B 80 -4.00 15.83 -7.76
N GLU B 81 -3.41 16.88 -7.16
CA GLU B 81 -2.73 16.70 -5.88
C GLU B 81 -3.67 16.29 -4.75
N ASP B 82 -4.98 16.40 -4.94
CA ASP B 82 -5.95 16.01 -3.93
C ASP B 82 -6.30 14.53 -3.96
N ILE B 83 -5.76 13.77 -4.91
CA ILE B 83 -6.06 12.34 -4.98
C ILE B 83 -5.29 11.66 -3.86
N ALA B 84 -6.01 11.19 -2.84
CA ALA B 84 -5.39 10.80 -1.58
C ALA B 84 -6.46 10.11 -0.74
N THR B 85 -6.08 9.78 0.50
CA THR B 85 -6.99 9.15 1.45
C THR B 85 -7.25 10.11 2.60
N TYR B 86 -8.52 10.32 2.92
CA TYR B 86 -8.95 11.29 3.91
C TYR B 86 -9.51 10.57 5.13
N TYR B 87 -9.01 10.93 6.32
CA TYR B 87 -9.42 10.34 7.58
C TYR B 87 -9.99 11.41 8.49
N CYS B 88 -11.09 11.10 9.15
CA CYS B 88 -11.57 11.95 10.23
C CYS B 88 -11.06 11.41 11.57
N GLN B 89 -11.17 12.24 12.61
CA GLN B 89 -10.60 11.91 13.91
C GLN B 89 -11.25 12.80 14.96
N GLN B 90 -11.84 12.17 15.98
CA GLN B 90 -12.44 12.90 17.10
C GLN B 90 -11.43 13.13 18.20
N TYR B 91 -11.54 14.29 18.86
CA TYR B 91 -10.78 14.56 20.08
C TYR B 91 -11.69 14.99 21.24
N TYR B 92 -12.97 14.64 21.19
CA TYR B 92 -13.85 14.89 22.33
C TYR B 92 -13.34 14.20 23.59
N ASN B 93 -12.82 12.98 23.47
CA ASN B 93 -12.26 12.27 24.62
C ASN B 93 -11.12 11.36 24.19
N LEU B 94 -10.42 10.79 25.20
CA LEU B 94 -9.40 9.77 25.02
C LEU B 94 -10.04 8.38 25.03
N PRO B 95 -9.60 7.47 24.17
CA PRO B 95 -8.54 7.64 23.16
C PRO B 95 -9.03 8.39 21.93
N TRP B 96 -8.20 9.27 21.37
CA TRP B 96 -8.47 9.80 20.04
C TRP B 96 -8.66 8.64 19.07
N THR B 97 -9.68 8.72 18.24
CA THR B 97 -10.01 7.64 17.32
C THR B 97 -10.21 8.20 15.93
N PHE B 98 -9.87 7.39 14.94
CA PHE B 98 -9.91 7.76 13.53
C PHE B 98 -11.00 6.98 12.82
N GLY B 99 -11.54 7.58 11.76
CA GLY B 99 -12.39 6.84 10.84
C GLY B 99 -11.55 5.95 9.96
N GLY B 100 -12.22 5.12 9.17
CA GLY B 100 -11.52 4.14 8.36
C GLY B 100 -10.84 4.69 7.15
N GLY B 101 -11.08 5.94 6.79
CA GLY B 101 -10.44 6.53 5.63
C GLY B 101 -11.25 6.40 4.35
N THR B 102 -11.19 7.42 3.50
CA THR B 102 -11.87 7.42 2.20
C THR B 102 -10.85 7.72 1.12
N LYS B 103 -10.58 6.74 0.26
CA LYS B 103 -9.54 6.86 -0.75
C LYS B 103 -10.16 7.34 -2.05
N LEU B 104 -9.65 8.45 -2.60
CA LEU B 104 -10.15 8.96 -3.86
C LEU B 104 -9.48 8.24 -5.02
N GLU B 105 -10.24 7.99 -6.08
CA GLU B 105 -9.69 7.52 -7.35
C GLU B 105 -10.36 8.30 -8.48
N ILE B 106 -9.68 8.36 -9.62
CA ILE B 106 -10.16 9.11 -10.78
C ILE B 106 -11.18 8.27 -11.55
N LYS B 107 -12.31 8.89 -11.91
CA LYS B 107 -13.32 8.28 -12.75
C LYS B 107 -12.90 8.23 -14.22
N ARG B 108 -13.26 7.15 -14.91
CA ARG B 108 -13.06 7.05 -16.36
C ARG B 108 -14.09 6.09 -16.93
N THR B 109 -14.07 5.92 -18.25
CA THR B 109 -14.98 4.99 -18.88
C THR B 109 -14.59 3.57 -18.52
N VAL B 110 -15.59 2.66 -18.57
CA VAL B 110 -15.32 1.26 -18.31
C VAL B 110 -14.34 0.73 -19.34
N ALA B 111 -13.37 -0.06 -18.87
CA ALA B 111 -12.39 -0.67 -19.75
C ALA B 111 -12.24 -2.14 -19.38
N ALA B 112 -12.42 -3.01 -20.35
CA ALA B 112 -12.30 -4.43 -20.12
C ALA B 112 -10.84 -4.84 -19.97
N PRO B 113 -10.53 -5.84 -19.15
CA PRO B 113 -9.14 -6.32 -19.04
C PRO B 113 -8.71 -7.00 -20.32
N SER B 114 -7.44 -6.84 -20.66
CA SER B 114 -6.79 -7.77 -21.57
C SER B 114 -6.13 -8.88 -20.76
N VAL B 115 -6.41 -10.12 -21.11
CA VAL B 115 -6.03 -11.27 -20.30
C VAL B 115 -4.89 -12.01 -20.98
N PHE B 116 -3.90 -12.43 -20.18
CA PHE B 116 -2.77 -13.21 -20.68
C PHE B 116 -2.44 -14.29 -19.67
N ILE B 117 -2.13 -15.50 -20.15
CA ILE B 117 -1.68 -16.56 -19.27
C ILE B 117 -0.24 -16.94 -19.62
N PHE B 118 0.52 -17.33 -18.60
CA PHE B 118 1.93 -17.64 -18.76
C PHE B 118 2.24 -18.98 -18.12
N PRO B 119 2.74 -19.94 -18.89
CA PRO B 119 3.17 -21.23 -18.32
C PRO B 119 4.41 -21.06 -17.46
N PRO B 120 4.74 -22.04 -16.63
CA PRO B 120 6.01 -22.00 -15.92
C PRO B 120 7.18 -22.17 -16.86
N SER B 121 8.30 -21.58 -16.50
CA SER B 121 9.50 -21.73 -17.30
C SER B 121 10.15 -23.10 -17.07
N ASP B 122 10.82 -23.60 -18.10
CA ASP B 122 11.59 -24.84 -17.95
C ASP B 122 12.63 -24.72 -16.83
N GLU B 123 13.20 -23.52 -16.65
CA GLU B 123 14.17 -23.31 -15.58
C GLU B 123 13.55 -23.47 -14.20
N GLN B 124 12.36 -22.90 -13.98
CA GLN B 124 11.73 -23.07 -12.68
C GLN B 124 11.36 -24.52 -12.44
N LEU B 125 10.85 -25.18 -13.47
CA LEU B 125 10.41 -26.56 -13.32
C LEU B 125 11.56 -27.47 -12.88
N LYS B 126 12.77 -27.19 -13.36
CA LYS B 126 13.92 -28.00 -12.96
C LYS B 126 14.13 -27.93 -11.44
N SER B 127 13.79 -26.80 -10.83
CA SER B 127 13.95 -26.58 -9.40
C SER B 127 12.87 -27.28 -8.57
N GLY B 128 11.83 -27.81 -9.19
CA GLY B 128 10.82 -28.54 -8.45
C GLY B 128 9.49 -27.83 -8.26
N THR B 129 9.32 -26.63 -8.82
CA THR B 129 8.14 -25.82 -8.58
C THR B 129 7.61 -25.28 -9.91
N ALA B 130 6.30 -25.11 -10.00
CA ALA B 130 5.67 -24.53 -11.18
C ALA B 130 4.77 -23.37 -10.75
N SER B 131 5.07 -22.18 -11.25
CA SER B 131 4.26 -20.97 -11.08
C SER B 131 3.58 -20.64 -12.40
N VAL B 132 2.25 -20.59 -12.39
CA VAL B 132 1.46 -20.23 -13.56
C VAL B 132 0.89 -18.85 -13.30
N VAL B 133 1.04 -17.94 -14.25
CA VAL B 133 0.68 -16.54 -14.01
C VAL B 133 -0.45 -16.15 -14.94
N CYS B 134 -1.44 -15.45 -14.38
CA CYS B 134 -2.51 -14.86 -15.15
C CYS B 134 -2.48 -13.35 -14.96
N LEU B 135 -2.51 -12.62 -16.08
CA LEU B 135 -2.42 -11.17 -16.08
C LEU B 135 -3.72 -10.60 -16.60
N LEU B 136 -4.34 -9.71 -15.83
CA LEU B 136 -5.50 -8.92 -16.24
C LEU B 136 -5.03 -7.49 -16.36
N ASN B 137 -4.98 -6.98 -17.59
CA ASN B 137 -4.27 -5.73 -17.84
C ASN B 137 -5.20 -4.59 -18.19
N ASN B 138 -4.94 -3.43 -17.56
CA ASN B 138 -5.50 -2.13 -17.94
C ASN B 138 -7.05 -2.13 -18.02
N PHE B 139 -7.68 -2.45 -16.90
CA PHE B 139 -9.13 -2.49 -16.84
C PHE B 139 -9.66 -1.41 -15.90
N TYR B 140 -10.96 -1.12 -16.02
CA TYR B 140 -11.61 -0.19 -15.11
C TYR B 140 -13.10 -0.46 -15.09
N PRO B 141 -13.76 -0.49 -13.92
CA PRO B 141 -13.26 -0.19 -12.56
C PRO B 141 -12.42 -1.29 -11.94
N ARG B 142 -12.02 -1.07 -10.69
CA ARG B 142 -11.03 -1.94 -10.05
C ARG B 142 -11.55 -3.35 -9.83
N GLU B 143 -12.85 -3.51 -9.68
CA GLU B 143 -13.42 -4.80 -9.32
C GLU B 143 -13.34 -5.77 -10.50
N ALA B 144 -12.71 -6.92 -10.29
CA ALA B 144 -12.61 -7.94 -11.32
C ALA B 144 -12.64 -9.29 -10.63
N LYS B 145 -13.05 -10.32 -11.37
CA LYS B 145 -13.05 -11.67 -10.83
C LYS B 145 -12.37 -12.60 -11.82
N TYR B 146 -11.73 -13.64 -11.29
CA TYR B 146 -11.09 -14.62 -12.14
C TYR B 146 -11.14 -15.98 -11.43
N GLN B 147 -11.04 -17.03 -12.22
CA GLN B 147 -11.02 -18.39 -11.69
C GLN B 147 -9.90 -19.15 -12.38
N TRP B 148 -9.11 -19.86 -11.59
CA TRP B 148 -8.14 -20.81 -12.10
C TRP B 148 -8.79 -22.17 -12.29
N LYS B 149 -8.59 -22.78 -13.45
CA LYS B 149 -9.06 -24.14 -13.69
C LYS B 149 -7.92 -24.99 -14.25
N VAL B 150 -7.75 -26.17 -13.67
CA VAL B 150 -6.74 -27.11 -14.09
C VAL B 150 -7.45 -28.41 -14.46
N ASP B 151 -7.38 -28.79 -15.74
CA ASP B 151 -8.20 -29.88 -16.27
C ASP B 151 -9.67 -29.72 -15.83
N ASN B 152 -10.17 -28.49 -15.95
CA ASN B 152 -11.54 -28.07 -15.68
C ASN B 152 -11.90 -28.14 -14.20
N ALA B 153 -10.94 -28.32 -13.31
CA ALA B 153 -11.22 -28.30 -11.88
C ALA B 153 -10.91 -26.91 -11.34
N LEU B 154 -11.92 -26.28 -10.74
CA LEU B 154 -11.71 -24.98 -10.12
C LEU B 154 -10.69 -25.08 -8.98
N GLN B 155 -9.69 -24.20 -9.00
CA GLN B 155 -8.66 -24.18 -7.97
C GLN B 155 -8.95 -23.08 -6.97
N SER B 156 -9.03 -23.44 -5.68
CA SER B 156 -9.27 -22.47 -4.62
C SER B 156 -8.29 -22.75 -3.50
N GLY B 157 -7.41 -21.78 -3.23
CA GLY B 157 -6.47 -21.85 -2.13
C GLY B 157 -5.00 -21.92 -2.52
N ASN B 158 -4.68 -22.15 -3.79
CA ASN B 158 -3.29 -22.28 -4.20
C ASN B 158 -2.83 -21.14 -5.10
N SER B 159 -3.48 -19.98 -5.02
CA SER B 159 -3.04 -18.81 -5.78
C SER B 159 -3.02 -17.57 -4.90
N GLN B 160 -2.18 -16.62 -5.31
CA GLN B 160 -2.10 -15.29 -4.70
C GLN B 160 -2.18 -14.26 -5.81
N GLU B 161 -2.61 -13.06 -5.46
CA GLU B 161 -2.84 -12.02 -6.44
C GLU B 161 -2.30 -10.70 -5.92
N SER B 162 -1.98 -9.79 -6.83
CA SER B 162 -1.80 -8.41 -6.39
C SER B 162 -2.24 -7.47 -7.49
N VAL B 163 -2.52 -6.22 -7.10
CA VAL B 163 -3.15 -5.24 -7.98
C VAL B 163 -2.34 -3.96 -7.93
N THR B 164 -2.15 -3.33 -9.08
CA THR B 164 -1.45 -2.06 -9.11
C THR B 164 -2.33 -0.95 -8.58
N GLU B 165 -1.69 0.16 -8.21
CA GLU B 165 -2.42 1.39 -7.99
C GLU B 165 -2.91 1.92 -9.32
N GLN B 166 -3.87 2.84 -9.26
CA GLN B 166 -4.44 3.39 -10.49
C GLN B 166 -3.35 4.02 -11.34
N ASP B 167 -3.34 3.70 -12.64
CA ASP B 167 -2.29 4.18 -13.53
C ASP B 167 -2.38 5.69 -13.71
N SER B 168 -1.24 6.37 -13.65
CA SER B 168 -1.25 7.83 -13.72
C SER B 168 -1.64 8.35 -15.10
N LYS B 169 -1.46 7.58 -16.16
CA LYS B 169 -1.72 8.09 -17.49
C LYS B 169 -3.08 7.68 -18.05
N ASP B 170 -3.55 6.45 -17.79
CA ASP B 170 -4.84 6.03 -18.35
C ASP B 170 -5.86 5.67 -17.29
N SER B 171 -5.55 5.81 -16.01
CA SER B 171 -6.50 5.64 -14.92
C SER B 171 -7.03 4.21 -14.80
N THR B 172 -6.30 3.22 -15.29
CA THR B 172 -6.74 1.83 -15.22
C THR B 172 -6.01 1.10 -14.09
N TYR B 173 -6.44 -0.15 -13.89
CA TYR B 173 -5.84 -1.05 -12.93
C TYR B 173 -5.34 -2.29 -13.67
N SER B 174 -4.31 -2.94 -13.11
CA SER B 174 -3.88 -4.25 -13.59
C SER B 174 -3.82 -5.21 -12.42
N LEU B 175 -3.97 -6.50 -12.71
CA LEU B 175 -3.96 -7.52 -11.67
C LEU B 175 -3.14 -8.72 -12.12
N SER B 176 -2.39 -9.30 -11.20
CA SER B 176 -1.56 -10.46 -11.48
C SER B 176 -1.91 -11.53 -10.45
N SER B 177 -2.14 -12.76 -10.92
CA SER B 177 -2.39 -13.87 -10.02
C SER B 177 -1.40 -14.98 -10.33
N THR B 178 -0.86 -15.59 -9.29
CA THR B 178 0.10 -16.66 -9.47
C THR B 178 -0.45 -17.93 -8.85
N LEU B 179 -0.57 -18.97 -9.68
CA LEU B 179 -0.96 -20.30 -9.23
C LEU B 179 0.30 -21.13 -9.02
N THR B 180 0.47 -21.69 -7.83
CA THR B 180 1.69 -22.43 -7.47
C THR B 180 1.40 -23.92 -7.29
N LEU B 181 2.18 -24.75 -7.97
CA LEU B 181 2.07 -26.19 -7.88
C LEU B 181 3.45 -26.80 -7.72
N SER B 182 3.50 -27.95 -7.06
CA SER B 182 4.71 -28.76 -7.15
C SER B 182 4.88 -29.26 -8.59
N LYS B 183 6.14 -29.50 -8.96
CA LYS B 183 6.44 -30.05 -10.28
C LYS B 183 5.64 -31.31 -10.55
N ALA B 184 5.57 -32.20 -9.55
CA ALA B 184 4.84 -33.46 -9.75
C ALA B 184 3.36 -33.22 -9.96
N ASP B 185 2.77 -32.24 -9.27
CA ASP B 185 1.36 -31.93 -9.49
C ASP B 185 1.16 -31.27 -10.85
N TYR B 186 2.03 -30.33 -11.22
CA TYR B 186 1.93 -29.68 -12.52
C TYR B 186 1.95 -30.69 -13.66
N GLU B 187 2.76 -31.73 -13.55
CA GLU B 187 2.86 -32.72 -14.62
C GLU B 187 1.74 -33.74 -14.63
N LYS B 188 0.85 -33.74 -13.62
CA LYS B 188 -0.29 -34.64 -13.59
C LYS B 188 -1.47 -34.14 -14.43
N HIS B 189 -1.40 -32.93 -14.97
CA HIS B 189 -2.54 -32.32 -15.62
C HIS B 189 -2.12 -31.66 -16.91
N LYS B 190 -3.12 -31.42 -17.78
CA LYS B 190 -2.87 -30.95 -19.13
C LYS B 190 -3.29 -29.49 -19.36
N VAL B 191 -4.55 -29.14 -19.07
CA VAL B 191 -5.11 -27.85 -19.46
C VAL B 191 -5.08 -26.88 -18.27
N TYR B 192 -4.37 -25.77 -18.44
CA TYR B 192 -4.29 -24.72 -17.42
C TYR B 192 -4.97 -23.50 -17.99
N ALA B 193 -5.94 -22.95 -17.26
CA ALA B 193 -6.79 -21.91 -17.79
C ALA B 193 -7.12 -20.86 -16.73
N CYS B 194 -7.18 -19.62 -17.19
CA CYS B 194 -7.60 -18.48 -16.37
C CYS B 194 -8.84 -17.89 -17.02
N GLU B 195 -9.93 -17.81 -16.27
CA GLU B 195 -11.20 -17.32 -16.79
C GLU B 195 -11.59 -16.07 -16.03
N VAL B 196 -11.89 -15.00 -16.76
CA VAL B 196 -12.02 -13.67 -16.20
C VAL B 196 -13.41 -13.10 -16.49
N THR B 197 -13.99 -12.45 -15.49
CA THR B 197 -15.23 -11.70 -15.64
C THR B 197 -15.03 -10.29 -15.08
N HIS B 198 -15.74 -9.32 -15.66
CA HIS B 198 -15.57 -7.91 -15.36
C HIS B 198 -16.79 -7.21 -15.94
N GLN B 199 -17.22 -6.12 -15.29
CA GLN B 199 -18.39 -5.45 -15.82
C GLN B 199 -18.16 -4.89 -17.22
N GLY B 200 -16.90 -4.75 -17.66
CA GLY B 200 -16.63 -4.36 -19.04
C GLY B 200 -16.71 -5.46 -20.07
N LEU B 201 -16.82 -6.72 -19.64
CA LEU B 201 -16.81 -7.89 -20.52
C LEU B 201 -18.23 -8.41 -20.67
N SER B 202 -18.71 -8.47 -21.92
CA SER B 202 -20.07 -8.97 -22.15
C SER B 202 -20.17 -10.48 -21.97
N SER B 203 -19.04 -11.19 -21.99
CA SER B 203 -19.00 -12.60 -21.65
C SER B 203 -17.60 -12.92 -21.14
N PRO B 204 -17.44 -14.00 -20.39
CA PRO B 204 -16.13 -14.27 -19.76
C PRO B 204 -15.03 -14.49 -20.79
N VAL B 205 -13.81 -14.17 -20.40
CA VAL B 205 -12.64 -14.35 -21.24
C VAL B 205 -11.81 -15.45 -20.62
N THR B 206 -11.53 -16.50 -21.41
CA THR B 206 -10.69 -17.58 -20.94
C THR B 206 -9.41 -17.59 -21.77
N LYS B 207 -8.27 -17.65 -21.10
CA LYS B 207 -6.99 -17.92 -21.73
C LYS B 207 -6.44 -19.20 -21.11
N SER B 208 -5.89 -20.07 -21.95
CA SER B 208 -5.42 -21.34 -21.43
C SER B 208 -4.21 -21.79 -22.24
N PHE B 209 -3.53 -22.81 -21.72
CA PHE B 209 -2.49 -23.49 -22.48
C PHE B 209 -2.52 -24.96 -22.12
N ASN B 210 -1.97 -25.77 -23.01
CA ASN B 210 -1.81 -27.19 -22.75
C ASN B 210 -0.36 -27.44 -22.40
N ARG B 211 -0.12 -28.03 -21.23
CA ARG B 211 1.26 -28.23 -20.78
C ARG B 211 2.02 -29.03 -21.83
N GLY B 212 3.15 -28.50 -22.27
CA GLY B 212 4.01 -29.20 -23.20
C GLY B 212 3.72 -28.98 -24.66
N GLU B 213 2.89 -28.01 -25.02
CA GLU B 213 2.59 -27.74 -26.42
C GLU B 213 3.07 -26.34 -26.87
C TRS C . 0.25 -5.68 24.37
C1 TRS C . -0.94 -4.74 24.52
C2 TRS C . 0.43 -6.18 22.94
C3 TRS C . 1.50 -4.99 24.84
N TRS C . 0.02 -6.83 25.25
O1 TRS C . -2.06 -5.48 24.96
O2 TRS C . -0.22 -5.35 22.01
O3 TRS C . 1.26 -3.62 24.99
#